data_6ATQ
#
_entry.id   6ATQ
#
_cell.length_a   99.591
_cell.length_b   90.692
_cell.length_c   51.250
_cell.angle_alpha   90.00
_cell.angle_beta   92.53
_cell.angle_gamma   90.00
#
_symmetry.space_group_name_H-M   'C 1 2 1'
#
loop_
_entity.id
_entity.type
_entity.pdbx_description
1 polymer 'Glutathione S-transferase A1'
2 non-polymer (4S)-2-METHYL-2,4-PENTANEDIOL
3 non-polymer '2-(N-MORPHOLINO)-ETHANESULFONIC ACID'
4 water water
#
_entity_poly.entity_id   1
_entity_poly.type   'polypeptide(L)'
_entity_poly.pdbx_seq_one_letter_code
;AEKPKLHYFNARGRMESTRWLLAAAGVEFEEKFIKSAEDLDKLRNDGYLMFQQVPMVEIDGMKLVQTRAILNYIASKYNL
YGKDIKERALIDMYIEGIADLGEMILLLPVCPPEEKDAKLALIKEKIKNRYFPAFEKVLKSHGQDYLVGNKLSRADIHLV
ELLYYVEELDSSLISSFPLLKALKTRISNLPTVKKFLQPGSPRKPPMDEKSLEEARKIFRF
;
_entity_poly.pdbx_strand_id   A,B
#
loop_
_chem_comp.id
_chem_comp.type
_chem_comp.name
_chem_comp.formula
MES non-polymer '2-(N-MORPHOLINO)-ETHANESULFONIC ACID' 'C6 H13 N O4 S'
MPD non-polymer (4S)-2-METHYL-2,4-PENTANEDIOL 'C6 H14 O2'
#
# COMPACT_ATOMS: atom_id res chain seq x y z
N ALA A 1 18.93 5.70 22.48
CA ALA A 1 17.84 6.52 21.94
C ALA A 1 16.47 5.95 22.35
N GLU A 2 15.42 6.71 22.04
CA GLU A 2 14.06 6.30 22.39
C GLU A 2 13.77 4.91 21.85
N LYS A 3 13.20 4.07 22.68
CA LYS A 3 12.81 2.72 22.30
C LYS A 3 11.43 2.78 21.62
N PRO A 4 11.28 2.20 20.41
CA PRO A 4 10.00 2.31 19.71
C PRO A 4 8.84 1.75 20.54
N LYS A 5 7.70 2.42 20.45
CA LYS A 5 6.51 2.04 21.20
C LYS A 5 5.36 1.86 20.21
N LEU A 6 4.79 0.64 20.22
CA LEU A 6 3.75 0.25 19.27
C LEU A 6 2.39 0.34 19.95
N HIS A 7 1.48 1.13 19.36
CA HIS A 7 0.11 1.23 19.83
C HIS A 7 -0.79 0.41 18.92
N TYR A 8 -1.45 -0.60 19.49
CA TYR A 8 -2.33 -1.43 18.70
C TYR A 8 -3.21 -2.24 19.64
N PHE A 9 -4.18 -2.92 19.06
CA PHE A 9 -4.90 -3.93 19.82
C PHE A 9 -3.94 -5.06 20.22
N ASN A 10 -4.30 -5.80 21.26
CA ASN A 10 -3.53 -6.98 21.63
C ASN A 10 -3.92 -8.09 20.66
N ALA A 11 -3.37 -8.00 19.44
CA ALA A 11 -3.76 -8.87 18.34
C ALA A 11 -2.74 -8.68 17.23
N ARG A 12 -2.68 -9.67 16.34
CA ARG A 12 -1.86 -9.55 15.14
C ARG A 12 -2.25 -8.34 14.29
N GLY A 13 -3.45 -8.40 13.72
CA GLY A 13 -3.94 -7.38 12.80
C GLY A 13 -2.89 -6.75 11.91
N ARG A 14 -2.92 -5.43 11.90
CA ARG A 14 -2.08 -4.62 11.04
C ARG A 14 -0.75 -4.24 11.68
N MET A 15 -0.49 -4.64 12.92
CA MET A 15 0.76 -4.33 13.56
C MET A 15 1.75 -5.48 13.53
N GLU A 16 1.31 -6.68 13.14
CA GLU A 16 2.15 -7.86 13.32
C GLU A 16 3.40 -7.81 12.43
N SER A 17 3.27 -7.33 11.18
CA SER A 17 4.44 -7.30 10.31
C SER A 17 5.48 -6.30 10.83
N THR A 18 5.05 -5.26 11.52
CA THR A 18 6.01 -4.38 12.19
C THR A 18 6.73 -5.11 13.33
N ARG A 19 5.99 -5.89 14.12
CA ARG A 19 6.62 -6.66 15.19
C ARG A 19 7.67 -7.61 14.61
N TRP A 20 7.33 -8.31 13.51
CA TRP A 20 8.29 -9.17 12.81
C TRP A 20 9.52 -8.38 12.38
N LEU A 21 9.30 -7.21 11.75
CA LEU A 21 10.44 -6.49 11.18
C LEU A 21 11.39 -5.99 12.26
N LEU A 22 10.85 -5.34 13.30
CA LEU A 22 11.68 -4.90 14.42
C LEU A 22 12.41 -6.06 15.08
N ALA A 23 11.69 -7.15 15.34
CA ALA A 23 12.30 -8.28 16.03
C ALA A 23 13.40 -8.88 15.18
N ALA A 24 13.14 -9.06 13.89
CA ALA A 24 14.17 -9.58 13.00
C ALA A 24 15.39 -8.67 12.94
N ALA A 25 15.18 -7.35 13.06
CA ALA A 25 16.30 -6.42 13.09
C ALA A 25 16.99 -6.34 14.46
N GLY A 26 16.54 -7.10 15.45
CA GLY A 26 17.22 -7.07 16.75
C GLY A 26 16.98 -5.82 17.58
N VAL A 27 15.85 -5.14 17.36
CA VAL A 27 15.57 -3.84 17.94
C VAL A 27 14.59 -4.05 19.09
N GLU A 28 14.95 -3.62 20.29
CA GLU A 28 14.01 -3.67 21.42
C GLU A 28 12.88 -2.67 21.23
N PHE A 29 11.66 -3.10 21.55
CA PHE A 29 10.50 -2.20 21.46
C PHE A 29 9.52 -2.59 22.54
N GLU A 30 8.60 -1.69 22.86
CA GLU A 30 7.52 -2.04 23.77
C GLU A 30 6.17 -1.75 23.14
N GLU A 31 5.13 -2.25 23.76
CA GLU A 31 3.78 -2.19 23.21
C GLU A 31 2.85 -1.57 24.24
N LYS A 32 1.92 -0.74 23.75
CA LYS A 32 0.85 -0.18 24.57
C LYS A 32 -0.48 -0.61 23.97
N PHE A 33 -1.16 -1.56 24.62
CA PHE A 33 -2.31 -2.22 24.02
C PHE A 33 -3.57 -1.39 24.19
N ILE A 34 -4.37 -1.38 23.13
CA ILE A 34 -5.67 -0.70 23.13
C ILE A 34 -6.70 -1.75 23.55
N LYS A 35 -7.22 -1.62 24.78
CA LYS A 35 -8.14 -2.59 25.35
C LYS A 35 -9.60 -2.17 25.27
N SER A 36 -9.89 -0.90 25.03
CA SER A 36 -11.24 -0.38 25.10
C SER A 36 -11.43 0.68 24.03
N ALA A 37 -12.70 0.91 23.65
CA ALA A 37 -13.02 2.04 22.79
C ALA A 37 -12.53 3.34 23.40
N GLU A 38 -12.53 3.43 24.74
CA GLU A 38 -12.02 4.61 25.42
C GLU A 38 -10.53 4.81 25.14
N ASP A 39 -9.76 3.73 25.14
CA ASP A 39 -8.34 3.86 24.83
C ASP A 39 -8.16 4.47 23.45
N LEU A 40 -8.86 3.93 22.45
CA LEU A 40 -8.74 4.45 21.09
C LEU A 40 -9.20 5.90 21.02
N ASP A 41 -10.34 6.20 21.63
CA ASP A 41 -10.83 7.58 21.64
C ASP A 41 -9.79 8.54 22.19
N LYS A 42 -9.04 8.11 23.21
CA LYS A 42 -8.10 9.06 23.82
C LYS A 42 -6.94 9.37 22.89
N LEU A 43 -6.40 8.35 22.22
CA LEU A 43 -5.34 8.57 21.24
C LEU A 43 -5.83 9.48 20.11
N ARG A 44 -7.03 9.23 19.61
CA ARG A 44 -7.66 10.09 18.62
C ARG A 44 -7.73 11.52 19.14
N ASN A 45 -8.46 11.72 20.24
CA ASN A 45 -8.77 13.06 20.72
C ASN A 45 -7.50 13.84 21.01
N ASP A 46 -6.50 13.17 21.59
CA ASP A 46 -5.26 13.85 21.92
C ASP A 46 -4.40 14.16 20.71
N GLY A 47 -4.79 13.72 19.52
CA GLY A 47 -4.11 14.18 18.32
C GLY A 47 -2.96 13.33 17.82
N TYR A 48 -2.80 12.11 18.34
CA TYR A 48 -1.64 11.27 18.04
C TYR A 48 -1.85 10.36 16.83
N LEU A 49 -3.07 10.29 16.30
CA LEU A 49 -3.40 9.43 15.15
C LEU A 49 -3.77 10.31 13.96
N MET A 50 -2.85 10.44 12.99
CA MET A 50 -3.11 11.39 11.92
C MET A 50 -4.46 11.15 11.27
N PHE A 51 -4.80 9.90 10.99
CA PHE A 51 -6.04 9.55 10.32
C PHE A 51 -6.97 8.77 11.23
N GLN A 52 -6.89 9.05 12.53
CA GLN A 52 -7.77 8.49 13.56
C GLN A 52 -7.73 6.98 13.64
N GLN A 53 -6.67 6.36 13.15
CA GLN A 53 -6.56 4.92 13.25
C GLN A 53 -5.18 4.49 13.73
N VAL A 54 -5.12 3.32 14.35
CA VAL A 54 -3.87 2.61 14.63
C VAL A 54 -3.72 1.54 13.55
N PRO A 55 -2.51 0.96 13.37
CA PRO A 55 -1.27 1.06 14.14
C PRO A 55 -0.72 2.47 14.23
N MET A 56 -0.09 2.77 15.36
CA MET A 56 0.71 3.97 15.53
C MET A 56 1.99 3.59 16.22
N VAL A 57 3.13 4.04 15.70
CA VAL A 57 4.41 3.71 16.28
C VAL A 57 5.13 5.00 16.63
N GLU A 58 5.53 5.14 17.90
CA GLU A 58 6.42 6.21 18.31
C GLU A 58 7.85 5.74 18.10
N ILE A 59 8.58 6.43 17.24
CA ILE A 59 9.98 6.10 16.94
C ILE A 59 10.70 7.37 16.49
N ASP A 60 11.86 7.63 17.09
CA ASP A 60 12.72 8.75 16.73
C ASP A 60 11.96 10.08 16.69
N GLY A 61 11.25 10.37 17.77
CA GLY A 61 10.51 11.61 17.90
C GLY A 61 9.23 11.72 17.10
N MET A 62 8.93 10.78 16.20
CA MET A 62 7.76 10.85 15.36
C MET A 62 6.61 10.00 15.89
N LYS A 63 5.39 10.36 15.51
CA LYS A 63 4.18 9.57 15.78
C LYS A 63 3.65 9.10 14.43
N LEU A 64 4.14 7.95 13.96
CA LEU A 64 3.84 7.45 12.63
C LEU A 64 2.59 6.59 12.64
N VAL A 65 1.68 6.86 11.70
CA VAL A 65 0.57 5.97 11.37
C VAL A 65 0.71 5.55 9.89
N GLN A 66 -0.14 4.61 9.48
CA GLN A 66 -0.07 3.95 8.17
C GLN A 66 1.02 2.88 8.17
N THR A 67 0.57 1.62 8.17
CA THR A 67 1.49 0.47 8.21
C THR A 67 2.66 0.62 7.26
N ARG A 68 2.38 0.99 6.00
CA ARG A 68 3.48 1.08 5.02
C ARG A 68 4.47 2.18 5.35
N ALA A 69 4.01 3.30 5.89
CA ALA A 69 4.93 4.33 6.35
C ALA A 69 5.80 3.82 7.50
N ILE A 70 5.18 3.14 8.46
CA ILE A 70 5.92 2.59 9.59
C ILE A 70 6.99 1.62 9.10
N LEU A 71 6.58 0.65 8.27
CA LEU A 71 7.52 -0.39 7.82
C LEU A 71 8.62 0.21 6.95
N ASN A 72 8.27 1.15 6.07
CA ASN A 72 9.27 1.79 5.21
C ASN A 72 10.36 2.46 6.03
N TYR A 73 9.96 3.23 7.06
CA TYR A 73 10.95 3.88 7.92
C TYR A 73 11.83 2.87 8.64
N ILE A 74 11.21 1.91 9.31
CA ILE A 74 11.99 0.91 10.06
C ILE A 74 12.98 0.19 9.13
N ALA A 75 12.53 -0.17 7.93
CA ALA A 75 13.42 -0.92 7.05
C ALA A 75 14.64 -0.08 6.62
N SER A 76 14.44 1.20 6.29
CA SER A 76 15.58 2.06 6.00
C SER A 76 16.49 2.19 7.21
N LYS A 77 15.90 2.55 8.36
CA LYS A 77 16.71 2.83 9.54
C LYS A 77 17.69 1.70 9.84
N TYR A 78 17.25 0.46 9.69
CA TYR A 78 18.04 -0.71 10.07
C TYR A 78 18.55 -1.45 8.85
N ASN A 79 18.70 -0.75 7.76
CA ASN A 79 19.28 -1.29 6.55
C ASN A 79 18.72 -2.58 6.02
N LEU A 80 17.42 -2.72 6.09
CA LEU A 80 16.74 -3.87 5.51
C LEU A 80 15.97 -3.50 4.25
N TYR A 81 16.38 -2.41 3.58
CA TYR A 81 15.64 -1.87 2.44
C TYR A 81 16.48 -1.77 1.17
N GLY A 82 17.57 -2.52 1.07
CA GLY A 82 18.39 -2.53 -0.13
C GLY A 82 19.49 -1.49 -0.08
N LYS A 83 20.39 -1.54 -1.07
CA LYS A 83 21.51 -0.62 -1.06
C LYS A 83 21.35 0.55 -2.03
N ASP A 84 20.35 0.50 -2.92
CA ASP A 84 20.17 1.56 -3.91
C ASP A 84 18.72 1.56 -4.40
N ILE A 85 18.43 2.57 -5.21
CA ILE A 85 17.07 2.81 -5.71
C ILE A 85 16.55 1.59 -6.45
N LYS A 86 17.40 0.98 -7.27
CA LYS A 86 16.96 -0.17 -8.06
C LYS A 86 16.69 -1.38 -7.18
N GLU A 87 17.48 -1.59 -6.13
CA GLU A 87 17.17 -2.68 -5.21
C GLU A 87 15.90 -2.42 -4.42
N ARG A 88 15.62 -1.17 -4.07
CA ARG A 88 14.37 -0.85 -3.40
C ARG A 88 13.19 -1.17 -4.30
N ALA A 89 13.34 -0.90 -5.61
CA ALA A 89 12.29 -1.22 -6.57
C ALA A 89 11.93 -2.70 -6.51
N LEU A 90 12.95 -3.59 -6.56
CA LEU A 90 12.68 -5.02 -6.48
C LEU A 90 12.01 -5.36 -5.16
N ILE A 91 12.59 -4.88 -4.05
CA ILE A 91 11.99 -5.11 -2.73
C ILE A 91 10.55 -4.62 -2.70
N ASP A 92 10.32 -3.40 -3.19
CA ASP A 92 8.97 -2.84 -3.21
C ASP A 92 8.03 -3.73 -4.01
N MET A 93 8.44 -4.14 -5.20
CA MET A 93 7.58 -4.98 -6.02
C MET A 93 7.24 -6.27 -5.29
N TYR A 94 8.26 -6.89 -4.68
CA TYR A 94 8.06 -8.15 -3.97
C TYR A 94 7.10 -7.97 -2.81
N ILE A 95 7.35 -6.98 -1.95
CA ILE A 95 6.59 -6.88 -0.72
C ILE A 95 5.18 -6.36 -0.97
N GLU A 96 4.97 -5.64 -2.08
CA GLU A 96 3.61 -5.20 -2.40
C GLU A 96 2.73 -6.36 -2.84
N GLY A 97 3.30 -7.35 -3.54
CA GLY A 97 2.54 -8.56 -3.79
C GLY A 97 2.24 -9.32 -2.51
N ILE A 98 3.24 -9.42 -1.63
CA ILE A 98 3.02 -10.01 -0.31
C ILE A 98 1.90 -9.26 0.43
N ALA A 99 1.94 -7.93 0.40
CA ALA A 99 0.90 -7.15 1.09
C ALA A 99 -0.47 -7.38 0.48
N ASP A 100 -0.56 -7.51 -0.85
CA ASP A 100 -1.87 -7.70 -1.47
C ASP A 100 -2.49 -9.01 -1.00
N LEU A 101 -1.72 -10.10 -1.08
CA LEU A 101 -2.16 -11.40 -0.60
C LEU A 101 -2.38 -11.40 0.91
N GLY A 102 -1.50 -10.72 1.66
CA GLY A 102 -1.69 -10.61 3.09
C GLY A 102 -2.98 -9.89 3.44
N GLU A 103 -3.38 -8.91 2.62
CA GLU A 103 -4.60 -8.17 2.91
C GLU A 103 -5.83 -9.07 2.79
N MET A 104 -5.89 -9.88 1.73
CA MET A 104 -6.94 -10.89 1.60
C MET A 104 -7.02 -11.75 2.86
N ILE A 105 -5.91 -12.43 3.18
CA ILE A 105 -5.89 -13.34 4.33
C ILE A 105 -6.23 -12.58 5.61
N LEU A 106 -5.76 -11.34 5.71
CA LEU A 106 -6.06 -10.53 6.89
C LEU A 106 -7.55 -10.33 7.07
N LEU A 107 -8.32 -10.27 5.99
CA LEU A 107 -9.73 -9.90 6.06
C LEU A 107 -10.69 -11.09 5.93
N LEU A 108 -10.17 -12.30 5.75
CA LEU A 108 -11.04 -13.47 5.66
C LEU A 108 -11.94 -13.63 6.88
N PRO A 109 -11.48 -13.40 8.10
CA PRO A 109 -12.38 -13.58 9.26
C PRO A 109 -13.64 -12.72 9.19
N VAL A 110 -13.50 -11.42 8.93
CA VAL A 110 -14.66 -10.53 8.89
C VAL A 110 -15.43 -10.63 7.58
N CYS A 111 -15.03 -11.51 6.68
CA CYS A 111 -15.80 -11.76 5.47
C CYS A 111 -17.17 -12.33 5.85
N PRO A 112 -18.26 -11.79 5.30
CA PRO A 112 -19.59 -12.36 5.55
C PRO A 112 -19.61 -13.86 5.32
N PRO A 113 -20.31 -14.61 6.17
CA PRO A 113 -20.15 -16.07 6.18
C PRO A 113 -20.69 -16.76 4.94
N GLU A 114 -21.69 -16.17 4.28
CA GLU A 114 -22.24 -16.79 3.08
C GLU A 114 -21.27 -16.73 1.91
N GLU A 115 -20.30 -15.82 1.95
CA GLU A 115 -19.33 -15.64 0.87
C GLU A 115 -17.93 -16.09 1.28
N LYS A 116 -17.79 -16.74 2.44
CA LYS A 116 -16.47 -17.02 2.99
C LYS A 116 -15.80 -18.20 2.31
N ASP A 117 -16.56 -19.22 1.90
CA ASP A 117 -15.94 -20.35 1.22
C ASP A 117 -15.32 -19.94 -0.11
N ALA A 118 -16.00 -19.05 -0.85
CA ALA A 118 -15.51 -18.62 -2.14
C ALA A 118 -14.32 -17.66 -2.02
N LYS A 119 -14.31 -16.83 -0.97
CA LYS A 119 -13.14 -16.01 -0.70
C LYS A 119 -11.93 -16.89 -0.42
N LEU A 120 -12.11 -17.91 0.42
CA LEU A 120 -11.00 -18.82 0.73
C LEU A 120 -10.55 -19.57 -0.53
N ALA A 121 -11.49 -20.19 -1.24
CA ALA A 121 -11.15 -20.87 -2.48
C ALA A 121 -10.32 -19.98 -3.39
N LEU A 122 -10.76 -18.73 -3.57
CA LEU A 122 -10.02 -17.82 -4.44
C LEU A 122 -8.64 -17.50 -3.87
N ILE A 123 -8.53 -17.36 -2.54
CA ILE A 123 -7.23 -17.08 -1.94
C ILE A 123 -6.27 -18.23 -2.20
N LYS A 124 -6.71 -19.45 -1.91
CA LYS A 124 -5.86 -20.62 -2.14
C LYS A 124 -5.43 -20.70 -3.59
N GLU A 125 -6.31 -20.31 -4.50
CA GLU A 125 -5.96 -20.42 -5.92
C GLU A 125 -4.90 -19.39 -6.31
N LYS A 126 -4.96 -18.20 -5.71
CA LYS A 126 -3.97 -17.17 -6.02
C LYS A 126 -2.61 -17.53 -5.43
N ILE A 127 -2.61 -18.17 -4.27
CA ILE A 127 -1.36 -18.63 -3.65
C ILE A 127 -0.67 -19.64 -4.57
N LYS A 128 -1.39 -20.69 -4.97
CA LYS A 128 -0.78 -21.74 -5.78
C LYS A 128 -0.48 -21.28 -7.20
N ASN A 129 -1.29 -20.39 -7.76
CA ASN A 129 -1.13 -20.06 -9.17
C ASN A 129 -0.49 -18.71 -9.44
N ARG A 130 -0.61 -17.74 -8.54
CA ARG A 130 -0.04 -16.42 -8.79
C ARG A 130 1.17 -16.13 -7.91
N TYR A 131 1.03 -16.19 -6.60
CA TYR A 131 2.05 -15.65 -5.69
C TYR A 131 3.19 -16.63 -5.40
N PHE A 132 2.89 -17.87 -5.02
CA PHE A 132 3.97 -18.80 -4.72
C PHE A 132 4.83 -19.11 -5.95
N PRO A 133 4.28 -19.26 -7.16
CA PRO A 133 5.16 -19.42 -8.33
C PRO A 133 6.06 -18.22 -8.56
N ALA A 134 5.58 -17.00 -8.27
CA ALA A 134 6.39 -15.82 -8.56
C ALA A 134 7.59 -15.72 -7.64
N PHE A 135 7.43 -16.07 -6.36
CA PHE A 135 8.60 -16.01 -5.48
C PHE A 135 9.52 -17.21 -5.67
N GLU A 136 8.97 -18.40 -5.91
CA GLU A 136 9.82 -19.54 -6.28
C GLU A 136 10.67 -19.19 -7.50
N LYS A 137 10.07 -18.52 -8.50
CA LYS A 137 10.81 -18.12 -9.70
C LYS A 137 11.96 -17.19 -9.36
N VAL A 138 11.73 -16.22 -8.47
CA VAL A 138 12.82 -15.32 -8.05
C VAL A 138 13.94 -16.12 -7.41
N LEU A 139 13.58 -17.00 -6.48
CA LEU A 139 14.59 -17.76 -5.72
C LEU A 139 15.37 -18.68 -6.63
N LYS A 140 14.70 -19.32 -7.59
CA LYS A 140 15.38 -20.20 -8.52
C LYS A 140 16.27 -19.42 -9.50
N SER A 141 15.90 -18.19 -9.84
CA SER A 141 16.64 -17.45 -10.87
C SER A 141 18.07 -17.13 -10.43
N HIS A 142 18.27 -16.82 -9.14
CA HIS A 142 19.61 -16.54 -8.62
C HIS A 142 20.11 -17.59 -7.63
N GLY A 143 19.25 -18.47 -7.15
CA GLY A 143 19.69 -19.54 -6.27
C GLY A 143 20.25 -19.09 -4.94
N GLN A 144 20.13 -17.81 -4.59
CA GLN A 144 20.77 -17.36 -3.36
C GLN A 144 19.83 -17.44 -2.17
N ASP A 145 20.39 -17.20 -0.99
CA ASP A 145 19.66 -17.45 0.25
C ASP A 145 18.68 -16.33 0.59
N TYR A 146 18.82 -15.16 -0.03
CA TYR A 146 17.94 -14.03 0.22
C TYR A 146 17.34 -13.53 -1.10
N LEU A 147 16.14 -12.96 -1.00
CA LEU A 147 15.40 -12.53 -2.18
C LEU A 147 16.17 -11.53 -3.03
N VAL A 148 16.80 -10.54 -2.40
CA VAL A 148 17.44 -9.41 -3.10
C VAL A 148 18.84 -9.19 -2.57
N GLY A 149 19.77 -8.92 -3.49
CA GLY A 149 21.10 -8.47 -3.14
C GLY A 149 21.94 -9.47 -2.35
N ASN A 150 21.54 -10.73 -2.31
CA ASN A 150 22.27 -11.75 -1.56
C ASN A 150 22.45 -11.33 -0.11
N LYS A 151 21.42 -10.69 0.44
CA LYS A 151 21.55 -10.10 1.76
C LYS A 151 20.15 -9.99 2.34
N LEU A 152 20.00 -10.33 3.63
CA LEU A 152 18.73 -10.18 4.33
C LEU A 152 18.13 -8.80 4.05
N SER A 153 16.84 -8.79 3.70
CA SER A 153 16.07 -7.57 3.51
C SER A 153 14.68 -7.77 4.10
N ARG A 154 13.92 -6.67 4.18
CA ARG A 154 12.54 -6.77 4.61
C ARG A 154 11.74 -7.75 3.77
N ALA A 155 12.10 -7.94 2.50
CA ALA A 155 11.33 -8.85 1.66
C ALA A 155 11.36 -10.27 2.22
N ASP A 156 12.53 -10.73 2.66
CA ASP A 156 12.60 -12.07 3.22
C ASP A 156 11.74 -12.17 4.46
N ILE A 157 11.76 -11.14 5.31
CA ILE A 157 11.02 -11.18 6.57
C ILE A 157 9.52 -11.20 6.30
N HIS A 158 9.04 -10.24 5.49
CA HIS A 158 7.61 -10.19 5.15
C HIS A 158 7.15 -11.47 4.48
N LEU A 159 7.97 -12.03 3.57
CA LEU A 159 7.57 -13.24 2.88
C LEU A 159 7.44 -14.40 3.84
N VAL A 160 8.44 -14.58 4.71
CA VAL A 160 8.39 -15.72 5.61
C VAL A 160 7.30 -15.54 6.66
N GLU A 161 7.03 -14.31 7.09
CA GLU A 161 5.84 -14.12 7.93
C GLU A 161 4.60 -14.65 7.23
N LEU A 162 4.39 -14.25 5.96
CA LEU A 162 3.25 -14.75 5.21
C LEU A 162 3.28 -16.27 5.07
N LEU A 163 4.46 -16.86 4.88
CA LEU A 163 4.52 -18.32 4.78
C LEU A 163 3.95 -18.99 6.03
N TYR A 164 4.23 -18.44 7.22
CA TYR A 164 3.63 -19.00 8.43
C TYR A 164 2.10 -18.90 8.41
N TYR A 165 1.55 -17.79 7.89
CA TYR A 165 0.09 -17.64 7.87
C TYR A 165 -0.54 -18.59 6.86
N VAL A 166 0.17 -18.82 5.75
CA VAL A 166 -0.33 -19.75 4.75
C VAL A 166 -0.28 -21.18 5.27
N GLU A 167 0.70 -21.50 6.12
CA GLU A 167 0.73 -22.81 6.78
CA GLU A 167 0.69 -22.83 6.73
C GLU A 167 -0.50 -22.98 7.67
N GLU A 168 -0.78 -21.95 8.50
CA GLU A 168 -1.96 -21.98 9.34
C GLU A 168 -3.22 -22.24 8.53
N LEU A 169 -3.27 -21.70 7.31
CA LEU A 169 -4.47 -21.83 6.52
C LEU A 169 -4.57 -23.18 5.83
N ASP A 170 -3.44 -23.78 5.46
CA ASP A 170 -3.40 -24.97 4.64
C ASP A 170 -1.96 -25.39 4.41
N SER A 171 -1.53 -26.47 5.07
CA SER A 171 -0.14 -26.91 5.02
C SER A 171 0.27 -27.34 3.64
N SER A 172 -0.68 -27.76 2.82
CA SER A 172 -0.34 -28.33 1.52
C SER A 172 0.05 -27.26 0.51
N LEU A 173 -0.31 -26.00 0.73
CA LEU A 173 -0.13 -25.00 -0.32
C LEU A 173 1.35 -24.80 -0.67
N ILE A 174 2.25 -24.97 0.30
CA ILE A 174 3.67 -24.79 0.03
C ILE A 174 4.35 -26.04 -0.51
N SER A 175 3.66 -27.18 -0.53
CA SER A 175 4.32 -28.46 -0.73
C SER A 175 5.07 -28.54 -2.05
N SER A 176 4.60 -27.86 -3.10
CA SER A 176 5.26 -27.95 -4.41
C SER A 176 6.25 -26.83 -4.65
N PHE A 177 6.61 -26.06 -3.63
CA PHE A 177 7.55 -24.94 -3.75
C PHE A 177 8.72 -25.18 -2.81
N PRO A 178 9.67 -26.04 -3.20
CA PRO A 178 10.79 -26.39 -2.30
C PRO A 178 11.66 -25.20 -1.92
N LEU A 179 11.80 -24.20 -2.80
CA LEU A 179 12.66 -23.06 -2.45
C LEU A 179 12.00 -22.15 -1.41
N LEU A 180 10.68 -22.05 -1.41
CA LEU A 180 10.00 -21.32 -0.34
C LEU A 180 10.16 -22.03 1.00
N LYS A 181 10.01 -23.36 1.00
CA LYS A 181 10.26 -24.14 2.21
C LYS A 181 11.67 -23.88 2.73
N ALA A 182 12.66 -23.89 1.83
CA ALA A 182 14.04 -23.67 2.23
C ALA A 182 14.25 -22.27 2.80
N LEU A 183 13.63 -21.25 2.19
CA LEU A 183 13.67 -19.90 2.75
C LEU A 183 13.09 -19.87 4.16
N LYS A 184 11.87 -20.40 4.33
CA LYS A 184 11.22 -20.39 5.63
C LYS A 184 12.13 -20.98 6.69
N THR A 185 12.78 -22.10 6.36
CA THR A 185 13.67 -22.74 7.32
C THR A 185 14.87 -21.85 7.65
N ARG A 186 15.54 -21.31 6.62
CA ARG A 186 16.75 -20.52 6.90
C ARG A 186 16.43 -19.26 7.68
N ILE A 187 15.43 -18.48 7.23
CA ILE A 187 15.09 -17.25 7.93
C ILE A 187 14.68 -17.54 9.36
N SER A 188 13.92 -18.63 9.57
CA SER A 188 13.49 -18.96 10.92
C SER A 188 14.66 -19.31 11.82
N ASN A 189 15.85 -19.56 11.26
CA ASN A 189 17.01 -19.90 12.06
C ASN A 189 17.97 -18.74 12.27
N LEU A 190 17.75 -17.59 11.64
CA LEU A 190 18.44 -16.40 12.06
C LEU A 190 18.20 -16.20 13.55
N PRO A 191 19.23 -15.90 14.35
CA PRO A 191 19.01 -15.80 15.81
C PRO A 191 17.87 -14.88 16.22
N THR A 192 17.75 -13.69 15.62
CA THR A 192 16.68 -12.78 16.06
C THR A 192 15.30 -13.36 15.75
N VAL A 193 15.15 -14.01 14.59
CA VAL A 193 13.84 -14.53 14.22
C VAL A 193 13.53 -15.79 15.03
N LYS A 194 14.55 -16.62 15.26
CA LYS A 194 14.39 -17.81 16.08
C LYS A 194 13.87 -17.45 17.46
N LYS A 195 14.39 -16.36 18.02
CA LYS A 195 13.93 -15.90 19.33
C LYS A 195 12.50 -15.39 19.23
N PHE A 196 12.20 -14.65 18.15
CA PHE A 196 10.85 -14.15 17.94
C PHE A 196 9.86 -15.30 17.83
N LEU A 197 10.29 -16.44 17.25
CA LEU A 197 9.36 -17.56 17.07
C LEU A 197 9.20 -18.36 18.35
N GLN A 198 10.14 -18.25 19.29
CA GLN A 198 10.02 -18.95 20.56
C GLN A 198 8.96 -18.30 21.43
N PRO A 199 8.44 -19.03 22.42
CA PRO A 199 7.41 -18.46 23.29
C PRO A 199 7.94 -17.26 24.06
N GLY A 200 7.01 -16.44 24.56
CA GLY A 200 7.34 -15.28 25.35
C GLY A 200 7.72 -14.02 24.57
N SER A 201 7.83 -14.09 23.24
CA SER A 201 8.14 -12.91 22.43
C SER A 201 6.86 -12.12 22.20
N PRO A 202 6.96 -10.97 21.51
CA PRO A 202 5.75 -10.19 21.21
C PRO A 202 4.92 -10.77 20.07
N ARG A 203 5.40 -11.83 19.41
CA ARG A 203 4.64 -12.42 18.32
C ARG A 203 3.26 -12.81 18.83
N LYS A 204 2.29 -12.53 18.05
CA LYS A 204 0.89 -12.65 18.45
C LYS A 204 0.24 -13.90 17.85
N PRO A 205 -0.75 -14.47 18.52
CA PRO A 205 -1.40 -15.69 18.01
C PRO A 205 -2.48 -15.35 16.99
N PRO A 206 -2.97 -16.35 16.26
CA PRO A 206 -4.11 -16.12 15.37
C PRO A 206 -5.30 -15.64 16.19
N MET A 207 -6.17 -14.89 15.51
CA MET A 207 -7.43 -14.44 16.10
C MET A 207 -8.36 -15.63 16.27
N ASP A 208 -8.99 -15.74 17.44
CA ASP A 208 -9.98 -16.78 17.67
C ASP A 208 -11.38 -16.17 17.69
N GLU A 209 -12.38 -17.05 17.69
CA GLU A 209 -13.77 -16.60 17.59
C GLU A 209 -14.17 -15.74 18.78
N LYS A 210 -13.86 -16.18 19.99
CA LYS A 210 -14.18 -15.38 21.17
C LYS A 210 -13.57 -14.00 21.09
N SER A 211 -12.27 -13.93 20.78
CA SER A 211 -11.59 -12.64 20.73
C SER A 211 -12.14 -11.76 19.62
N LEU A 212 -12.42 -12.34 18.45
CA LEU A 212 -12.99 -11.55 17.37
C LEU A 212 -14.37 -11.01 17.74
N GLU A 213 -15.27 -11.90 18.17
CA GLU A 213 -16.62 -11.47 18.49
C GLU A 213 -16.62 -10.40 19.58
N GLU A 214 -15.79 -10.57 20.61
CA GLU A 214 -15.73 -9.58 21.68
C GLU A 214 -15.23 -8.22 21.17
N ALA A 215 -14.22 -8.23 20.29
CA ALA A 215 -13.67 -6.96 19.79
C ALA A 215 -14.64 -6.29 18.82
N ARG A 216 -15.31 -7.09 17.98
CA ARG A 216 -16.39 -6.54 17.17
C ARG A 216 -17.36 -5.73 18.03
N LYS A 217 -17.67 -6.22 19.23
CA LYS A 217 -18.52 -5.50 20.15
C LYS A 217 -17.86 -4.21 20.62
N ILE A 218 -16.71 -4.32 21.29
CA ILE A 218 -16.07 -3.18 21.94
C ILE A 218 -15.83 -2.04 20.95
N PHE A 219 -15.35 -2.37 19.75
CA PHE A 219 -14.96 -1.36 18.78
C PHE A 219 -15.97 -1.20 17.64
N ARG A 220 -17.10 -1.90 17.71
CA ARG A 220 -18.21 -1.68 16.79
CA ARG A 220 -18.20 -1.68 16.80
C ARG A 220 -17.73 -1.65 15.34
N PHE A 221 -17.49 -2.84 14.78
CA PHE A 221 -17.08 -2.98 13.38
C PHE A 221 -17.47 -4.37 12.87
N GLU B 2 15.81 7.00 -22.13
CA GLU B 2 14.60 6.37 -22.65
C GLU B 2 13.33 6.91 -21.97
N LYS B 3 12.21 6.83 -22.70
CA LYS B 3 10.91 7.17 -22.14
C LYS B 3 10.35 5.97 -21.38
N PRO B 4 9.91 6.15 -20.12
CA PRO B 4 9.17 5.09 -19.46
C PRO B 4 7.98 4.68 -20.32
N LYS B 5 7.66 3.39 -20.28
CA LYS B 5 6.57 2.83 -21.07
C LYS B 5 5.52 2.26 -20.11
N LEU B 6 4.31 2.80 -20.19
CA LEU B 6 3.22 2.46 -19.28
C LEU B 6 2.27 1.48 -19.95
N HIS B 7 2.13 0.30 -19.36
CA HIS B 7 1.25 -0.75 -19.84
C HIS B 7 0.04 -0.79 -18.91
N TYR B 8 -1.10 -0.33 -19.43
CA TYR B 8 -2.39 -0.35 -18.75
C TYR B 8 -3.45 -0.23 -19.83
N PHE B 9 -4.71 -0.24 -19.44
CA PHE B 9 -5.69 0.02 -20.48
CA PHE B 9 -5.83 0.01 -20.33
C PHE B 9 -5.96 1.52 -20.57
N ASN B 10 -6.75 1.89 -21.56
CA ASN B 10 -7.03 3.30 -21.81
C ASN B 10 -8.07 3.75 -20.80
N ALA B 11 -7.61 4.16 -19.63
CA ALA B 11 -8.47 4.50 -18.50
C ALA B 11 -7.57 4.98 -17.36
N ARG B 12 -8.18 5.70 -16.43
CA ARG B 12 -7.49 6.11 -15.21
C ARG B 12 -6.98 4.89 -14.44
N GLY B 13 -7.90 4.18 -13.78
CA GLY B 13 -7.56 3.00 -13.04
C GLY B 13 -6.43 3.24 -12.06
N ARG B 14 -5.58 2.22 -11.91
CA ARG B 14 -4.45 2.28 -10.99
C ARG B 14 -3.20 2.84 -11.65
N MET B 15 -3.27 3.30 -12.88
CA MET B 15 -2.13 3.91 -13.53
C MET B 15 -2.15 5.44 -13.51
N GLU B 16 -3.28 6.04 -13.13
CA GLU B 16 -3.39 7.49 -13.30
C GLU B 16 -2.41 8.24 -12.41
N SER B 17 -2.21 7.79 -11.17
CA SER B 17 -1.35 8.55 -10.27
C SER B 17 0.11 8.53 -10.75
N THR B 18 0.52 7.46 -11.42
CA THR B 18 1.82 7.45 -12.10
C THR B 18 1.87 8.49 -13.22
N ARG B 19 0.81 8.56 -14.04
CA ARG B 19 0.78 9.59 -15.08
C ARG B 19 0.98 10.97 -14.47
N TRP B 20 0.26 11.24 -13.37
CA TRP B 20 0.36 12.51 -12.67
C TRP B 20 1.78 12.78 -12.18
N LEU B 21 2.39 11.79 -11.51
CA LEU B 21 3.74 11.97 -10.96
C LEU B 21 4.75 12.23 -12.08
N LEU B 22 4.78 11.37 -13.09
CA LEU B 22 5.71 11.54 -14.20
C LEU B 22 5.50 12.90 -14.86
N ALA B 23 4.24 13.25 -15.13
CA ALA B 23 3.96 14.52 -15.78
C ALA B 23 4.39 15.69 -14.89
N ALA B 24 4.09 15.61 -13.60
CA ALA B 24 4.49 16.69 -12.72
C ALA B 24 6.00 16.83 -12.70
N ALA B 25 6.73 15.71 -12.76
CA ALA B 25 8.19 15.77 -12.75
C ALA B 25 8.76 16.21 -14.08
N GLY B 26 7.92 16.38 -15.09
CA GLY B 26 8.40 16.79 -16.39
C GLY B 26 8.93 15.67 -17.25
N VAL B 27 8.51 14.43 -16.99
CA VAL B 27 9.06 13.26 -17.66
C VAL B 27 8.14 12.85 -18.80
N GLU B 28 8.65 12.90 -20.02
CA GLU B 28 7.91 12.41 -21.17
C GLU B 28 7.88 10.89 -21.15
N PHE B 29 6.71 10.32 -21.37
CA PHE B 29 6.58 8.87 -21.34
C PHE B 29 5.61 8.47 -22.45
N GLU B 30 5.69 7.21 -22.84
CA GLU B 30 4.73 6.67 -23.79
C GLU B 30 3.89 5.59 -23.13
N GLU B 31 2.76 5.31 -23.75
CA GLU B 31 1.80 4.36 -23.23
C GLU B 31 1.55 3.27 -24.28
N LYS B 32 1.26 2.06 -23.79
CA LYS B 32 0.86 0.95 -24.64
C LYS B 32 -0.42 0.40 -24.06
N PHE B 33 -1.53 0.68 -24.73
CA PHE B 33 -2.84 0.37 -24.19
C PHE B 33 -3.19 -1.09 -24.42
N ILE B 34 -3.72 -1.71 -23.37
CA ILE B 34 -4.25 -3.07 -23.42
C ILE B 34 -5.66 -2.96 -23.99
N LYS B 35 -5.85 -3.42 -25.24
CA LYS B 35 -7.15 -3.31 -25.90
C LYS B 35 -8.02 -4.56 -25.76
N SER B 36 -7.41 -5.71 -25.46
CA SER B 36 -8.12 -6.98 -25.51
C SER B 36 -7.56 -7.92 -24.45
N ALA B 37 -8.26 -9.04 -24.26
CA ALA B 37 -7.71 -10.11 -23.43
C ALA B 37 -6.40 -10.62 -24.02
N GLU B 38 -6.34 -10.74 -25.35
CA GLU B 38 -5.12 -11.19 -26.02
C GLU B 38 -3.93 -10.32 -25.64
N ASP B 39 -4.13 -9.00 -25.62
CA ASP B 39 -3.03 -8.11 -25.25
C ASP B 39 -2.52 -8.40 -23.85
N LEU B 40 -3.44 -8.65 -22.92
CA LEU B 40 -3.07 -8.95 -21.54
C LEU B 40 -2.42 -10.31 -21.45
N ASP B 41 -2.93 -11.29 -22.19
CA ASP B 41 -2.33 -12.62 -22.18
C ASP B 41 -0.94 -12.60 -22.79
N LYS B 42 -0.73 -11.80 -23.83
CA LYS B 42 0.61 -11.64 -24.40
C LYS B 42 1.57 -11.03 -23.38
N LEU B 43 1.10 -10.08 -22.57
CA LEU B 43 1.96 -9.53 -21.52
C LEU B 43 2.30 -10.60 -20.48
N ARG B 44 1.32 -11.41 -20.07
CA ARG B 44 1.58 -12.50 -19.14
C ARG B 44 2.51 -13.54 -19.75
N ASN B 45 2.15 -14.04 -20.92
CA ASN B 45 2.93 -15.07 -21.59
C ASN B 45 4.36 -14.69 -21.82
N ASP B 46 4.65 -13.42 -22.05
CA ASP B 46 6.03 -13.05 -22.33
C ASP B 46 6.86 -12.87 -21.06
N GLY B 47 6.26 -13.01 -19.89
CA GLY B 47 6.95 -12.82 -18.64
C GLY B 47 7.08 -11.39 -18.19
N TYR B 48 6.24 -10.49 -18.70
CA TYR B 48 6.35 -9.08 -18.35
C TYR B 48 5.78 -8.74 -16.97
N LEU B 49 4.89 -9.58 -16.42
CA LEU B 49 4.07 -9.25 -15.25
C LEU B 49 4.41 -10.17 -14.08
N MET B 50 5.17 -9.66 -13.09
CA MET B 50 5.62 -10.55 -12.02
C MET B 50 4.44 -11.27 -11.36
N PHE B 51 3.32 -10.57 -11.17
CA PHE B 51 2.18 -11.15 -10.50
C PHE B 51 0.96 -11.19 -11.42
N GLN B 52 1.21 -11.35 -12.73
CA GLN B 52 0.16 -11.50 -13.74
C GLN B 52 -0.72 -10.26 -13.86
N GLN B 53 -0.28 -9.12 -13.37
CA GLN B 53 -1.12 -7.95 -13.47
C GLN B 53 -0.44 -6.71 -13.95
N VAL B 54 -1.27 -5.76 -14.33
CA VAL B 54 -0.83 -4.39 -14.61
C VAL B 54 -1.50 -3.48 -13.59
N PRO B 55 -1.06 -2.24 -13.41
CA PRO B 55 0.00 -1.49 -14.10
C PRO B 55 1.34 -2.18 -14.16
N MET B 56 2.06 -1.97 -15.26
CA MET B 56 3.46 -2.31 -15.32
C MET B 56 4.17 -1.19 -16.07
N VAL B 57 5.32 -0.77 -15.56
CA VAL B 57 6.09 0.30 -16.16
C VAL B 57 7.48 -0.23 -16.51
N GLU B 58 7.85 -0.08 -17.78
CA GLU B 58 9.21 -0.33 -18.25
C GLU B 58 9.98 0.96 -18.05
N ILE B 59 10.97 0.91 -17.17
CA ILE B 59 11.81 2.06 -16.90
C ILE B 59 13.17 1.55 -16.43
N ASP B 60 14.23 2.12 -17.00
CA ASP B 60 15.59 1.78 -16.64
C ASP B 60 15.79 0.27 -16.58
N GLY B 61 15.27 -0.44 -17.59
CA GLY B 61 15.53 -1.85 -17.75
C GLY B 61 14.80 -2.77 -16.81
N MET B 62 14.04 -2.25 -15.86
CA MET B 62 13.15 -3.08 -15.06
C MET B 62 11.76 -3.07 -15.66
N LYS B 63 11.01 -4.11 -15.33
CA LYS B 63 9.59 -4.20 -15.65
C LYS B 63 8.88 -4.21 -14.29
N LEU B 64 8.48 -3.03 -13.83
CA LEU B 64 7.95 -2.84 -12.50
C LEU B 64 6.44 -2.99 -12.47
N VAL B 65 5.96 -3.83 -11.57
CA VAL B 65 4.54 -3.93 -11.27
C VAL B 65 4.31 -3.51 -9.81
N GLN B 66 3.04 -3.39 -9.44
CA GLN B 66 2.59 -2.87 -8.15
C GLN B 66 2.70 -1.36 -8.15
N THR B 67 1.54 -0.69 -8.10
CA THR B 67 1.52 0.78 -8.15
C THR B 67 2.52 1.40 -7.17
N ARG B 68 2.55 0.91 -5.93
CA ARG B 68 3.44 1.55 -4.97
C ARG B 68 4.91 1.35 -5.31
N ALA B 69 5.28 0.23 -5.92
CA ALA B 69 6.68 0.07 -6.34
C ALA B 69 7.04 1.04 -7.47
N ILE B 70 6.16 1.17 -8.46
CA ILE B 70 6.37 2.13 -9.53
C ILE B 70 6.54 3.54 -8.97
N LEU B 71 5.60 3.98 -8.13
CA LEU B 71 5.60 5.37 -7.66
C LEU B 71 6.83 5.70 -6.83
N ASN B 72 7.20 4.78 -5.92
CA ASN B 72 8.37 5.01 -5.07
C ASN B 72 9.62 5.18 -5.92
N TYR B 73 9.80 4.32 -6.91
CA TYR B 73 10.98 4.43 -7.76
C TYR B 73 11.03 5.80 -8.44
N ILE B 74 9.94 6.16 -9.13
CA ILE B 74 9.86 7.44 -9.82
C ILE B 74 10.10 8.59 -8.85
N ALA B 75 9.39 8.60 -7.72
CA ALA B 75 9.56 9.70 -6.77
C ALA B 75 11.02 9.82 -6.33
N SER B 76 11.69 8.69 -6.08
CA SER B 76 13.11 8.78 -5.70
C SER B 76 13.95 9.25 -6.88
N LYS B 77 13.72 8.68 -8.06
CA LYS B 77 14.54 9.02 -9.21
C LYS B 77 14.49 10.51 -9.49
N TYR B 78 13.33 11.15 -9.29
CA TYR B 78 13.18 12.55 -9.64
C TYR B 78 13.13 13.48 -8.43
N ASN B 79 13.61 13.01 -7.27
CA ASN B 79 13.80 13.87 -6.10
C ASN B 79 12.49 14.45 -5.57
N LEU B 80 11.42 13.65 -5.63
CA LEU B 80 10.12 14.03 -5.10
C LEU B 80 9.74 13.19 -3.88
N TYR B 81 10.73 12.55 -3.26
CA TYR B 81 10.51 11.70 -2.11
C TYR B 81 11.19 12.25 -0.85
N GLY B 82 11.38 13.56 -0.77
CA GLY B 82 11.98 14.16 0.41
C GLY B 82 13.50 14.03 0.46
N LYS B 83 14.10 14.70 1.46
CA LYS B 83 15.55 14.76 1.52
C LYS B 83 16.18 13.66 2.37
N ASP B 84 15.43 13.03 3.27
CA ASP B 84 15.99 12.01 4.14
C ASP B 84 14.85 11.09 4.59
N ILE B 85 15.20 10.02 5.30
CA ILE B 85 14.17 9.03 5.61
C ILE B 85 13.17 9.57 6.64
N LYS B 86 13.52 10.62 7.38
CA LYS B 86 12.51 11.21 8.23
C LYS B 86 11.47 11.98 7.41
N GLU B 87 11.92 12.75 6.41
CA GLU B 87 10.96 13.36 5.49
C GLU B 87 10.20 12.30 4.71
N ARG B 88 10.90 11.26 4.25
CA ARG B 88 10.20 10.16 3.57
C ARG B 88 9.11 9.56 4.46
N ALA B 89 9.34 9.52 5.77
CA ALA B 89 8.33 8.99 6.70
C ALA B 89 7.08 9.87 6.70
N LEU B 90 7.23 11.19 6.77
CA LEU B 90 6.04 12.05 6.72
C LEU B 90 5.32 11.90 5.38
N ILE B 91 6.08 11.94 4.29
CA ILE B 91 5.48 11.77 2.96
C ILE B 91 4.71 10.46 2.88
N ASP B 92 5.35 9.35 3.29
CA ASP B 92 4.69 8.05 3.24
C ASP B 92 3.42 8.07 4.05
N MET B 93 3.48 8.62 5.27
CA MET B 93 2.30 8.65 6.11
C MET B 93 1.18 9.42 5.41
N TYR B 94 1.49 10.62 4.91
CA TYR B 94 0.46 11.39 4.20
C TYR B 94 -0.07 10.65 2.98
N ILE B 95 0.83 10.18 2.12
CA ILE B 95 0.35 9.63 0.85
C ILE B 95 -0.33 8.29 1.04
N GLU B 96 -0.03 7.58 2.15
CA GLU B 96 -0.78 6.35 2.41
C GLU B 96 -2.21 6.65 2.84
N GLY B 97 -2.43 7.73 3.58
CA GLY B 97 -3.79 8.16 3.83
C GLY B 97 -4.52 8.57 2.56
N ILE B 98 -3.81 9.25 1.66
CA ILE B 98 -4.40 9.62 0.37
C ILE B 98 -4.73 8.36 -0.44
N ALA B 99 -3.86 7.35 -0.39
CA ALA B 99 -4.13 6.11 -1.11
C ALA B 99 -5.32 5.36 -0.52
N ASP B 100 -5.42 5.30 0.81
CA ASP B 100 -6.59 4.69 1.44
C ASP B 100 -7.88 5.35 0.97
N LEU B 101 -7.91 6.67 0.96
CA LEU B 101 -9.10 7.37 0.50
C LEU B 101 -9.30 7.16 -1.01
N GLY B 102 -8.27 7.37 -1.80
CA GLY B 102 -8.38 7.13 -3.23
C GLY B 102 -8.87 5.73 -3.57
N GLU B 103 -8.46 4.73 -2.78
CA GLU B 103 -8.89 3.36 -3.06
C GLU B 103 -10.41 3.24 -2.94
N MET B 104 -11.00 3.84 -1.91
N MET B 104 -11.00 3.85 -1.90
CA MET B 104 -12.45 3.83 -1.77
CA MET B 104 -12.45 3.84 -1.75
C MET B 104 -13.13 4.43 -2.99
C MET B 104 -13.13 4.43 -2.99
N ILE B 105 -12.62 5.56 -3.48
CA ILE B 105 -13.23 6.23 -4.63
C ILE B 105 -13.03 5.40 -5.90
N LEU B 106 -11.86 4.79 -6.04
CA LEU B 106 -11.55 3.99 -7.22
C LEU B 106 -12.49 2.79 -7.36
N LEU B 107 -12.82 2.15 -6.24
CA LEU B 107 -13.66 0.96 -6.28
C LEU B 107 -15.14 1.28 -6.20
N LEU B 108 -15.50 2.53 -5.87
CA LEU B 108 -16.90 2.92 -5.75
C LEU B 108 -17.75 2.47 -6.93
N PRO B 109 -17.34 2.65 -8.20
CA PRO B 109 -18.15 2.13 -9.33
C PRO B 109 -18.53 0.66 -9.23
N VAL B 110 -17.66 -0.19 -8.68
CA VAL B 110 -17.92 -1.62 -8.68
C VAL B 110 -18.50 -2.02 -7.35
N CYS B 111 -18.91 -1.04 -6.56
CA CYS B 111 -19.63 -1.32 -5.33
C CYS B 111 -20.93 -2.05 -5.63
N PRO B 112 -21.24 -3.13 -4.92
CA PRO B 112 -22.56 -3.77 -5.08
C PRO B 112 -23.67 -2.74 -4.97
N PRO B 113 -24.64 -2.75 -5.89
CA PRO B 113 -25.60 -1.63 -5.95
C PRO B 113 -26.38 -1.45 -4.66
N GLU B 114 -26.67 -2.54 -3.95
CA GLU B 114 -27.36 -2.44 -2.68
C GLU B 114 -26.51 -1.77 -1.59
N GLU B 115 -25.20 -1.64 -1.78
CA GLU B 115 -24.34 -0.98 -0.81
C GLU B 115 -23.88 0.42 -1.22
N LYS B 116 -24.22 0.87 -2.43
CA LYS B 116 -23.59 2.09 -2.97
C LYS B 116 -23.99 3.32 -2.17
N ASP B 117 -25.26 3.45 -1.80
CA ASP B 117 -25.71 4.61 -1.05
C ASP B 117 -24.89 4.79 0.22
N ALA B 118 -24.71 3.73 0.99
CA ALA B 118 -24.05 3.83 2.29
C ALA B 118 -22.55 3.99 2.16
N LYS B 119 -21.94 3.29 1.19
CA LYS B 119 -20.52 3.51 0.91
C LYS B 119 -20.27 4.97 0.51
N LEU B 120 -21.06 5.51 -0.43
CA LEU B 120 -20.87 6.90 -0.81
C LEU B 120 -21.00 7.82 0.40
N ALA B 121 -22.01 7.59 1.24
CA ALA B 121 -22.15 8.43 2.43
C ALA B 121 -20.94 8.29 3.35
N LEU B 122 -20.40 7.07 3.49
CA LEU B 122 -19.20 6.84 4.31
C LEU B 122 -17.96 7.53 3.73
N ILE B 123 -17.78 7.46 2.41
CA ILE B 123 -16.64 8.14 1.78
C ILE B 123 -16.69 9.63 2.07
N LYS B 124 -17.87 10.26 1.92
CA LYS B 124 -17.98 11.70 2.15
C LYS B 124 -17.75 12.04 3.60
N GLU B 125 -18.31 11.24 4.53
CA GLU B 125 -18.10 11.50 5.94
C GLU B 125 -16.61 11.45 6.28
N LYS B 126 -15.90 10.43 5.78
CA LYS B 126 -14.48 10.32 6.03
C LYS B 126 -13.71 11.50 5.43
N ILE B 127 -14.07 11.91 4.21
CA ILE B 127 -13.48 13.11 3.60
C ILE B 127 -13.63 14.30 4.54
N LYS B 128 -14.87 14.55 4.99
CA LYS B 128 -15.17 15.76 5.76
C LYS B 128 -14.57 15.73 7.16
N ASN B 129 -14.61 14.57 7.82
CA ASN B 129 -14.12 14.45 9.19
C ASN B 129 -12.81 13.76 9.42
N ARG B 130 -12.28 13.06 8.43
CA ARG B 130 -11.05 12.34 8.65
C ARG B 130 -9.90 12.89 7.82
N TYR B 131 -10.02 12.87 6.49
CA TYR B 131 -8.87 13.11 5.62
C TYR B 131 -8.61 14.58 5.36
N PHE B 132 -9.64 15.34 4.95
CA PHE B 132 -9.42 16.76 4.70
C PHE B 132 -8.98 17.49 5.96
N PRO B 133 -9.61 17.30 7.11
CA PRO B 133 -9.07 17.94 8.33
C PRO B 133 -7.62 17.58 8.57
N ALA B 134 -7.24 16.32 8.34
CA ALA B 134 -5.86 15.90 8.60
C ALA B 134 -4.88 16.68 7.75
N PHE B 135 -5.21 16.92 6.46
CA PHE B 135 -4.25 17.63 5.61
C PHE B 135 -4.32 19.13 5.81
N GLU B 136 -5.50 19.67 6.16
CA GLU B 136 -5.57 21.09 6.50
C GLU B 136 -4.74 21.40 7.74
N LYS B 137 -4.79 20.50 8.73
CA LYS B 137 -3.94 20.61 9.93
C LYS B 137 -2.46 20.71 9.57
N VAL B 138 -1.96 19.79 8.73
CA VAL B 138 -0.54 19.85 8.36
C VAL B 138 -0.21 21.19 7.72
N LEU B 139 -1.05 21.65 6.79
CA LEU B 139 -0.72 22.90 6.09
C LEU B 139 -0.76 24.07 7.06
N LYS B 140 -1.72 24.11 7.96
CA LYS B 140 -1.79 25.20 8.92
C LYS B 140 -0.61 25.19 9.89
N SER B 141 -0.05 24.02 10.18
CA SER B 141 0.98 23.93 11.22
C SER B 141 2.26 24.65 10.84
N HIS B 142 2.67 24.59 9.57
CA HIS B 142 3.86 25.31 9.14
C HIS B 142 3.58 26.48 8.22
N GLY B 143 2.35 26.61 7.69
CA GLY B 143 2.05 27.69 6.79
C GLY B 143 2.80 27.69 5.48
N GLN B 144 3.50 26.61 5.15
CA GLN B 144 4.27 26.65 3.92
C GLN B 144 3.44 26.13 2.76
N ASP B 145 3.91 26.41 1.54
CA ASP B 145 3.13 26.08 0.36
C ASP B 145 3.13 24.60 0.04
N TYR B 146 3.97 23.80 0.70
CA TYR B 146 4.13 22.40 0.35
C TYR B 146 3.96 21.57 1.62
N LEU B 147 3.50 20.32 1.44
CA LEU B 147 3.18 19.49 2.60
C LEU B 147 4.41 19.24 3.47
N VAL B 148 5.56 18.93 2.85
CA VAL B 148 6.75 18.44 3.57
C VAL B 148 7.99 19.20 3.11
N GLY B 149 8.79 19.66 4.07
CA GLY B 149 10.10 20.19 3.73
C GLY B 149 10.11 21.46 2.91
N ASN B 150 9.01 22.22 2.89
CA ASN B 150 8.97 23.49 2.17
C ASN B 150 9.51 23.34 0.75
N LYS B 151 9.04 22.29 0.06
CA LYS B 151 9.57 21.93 -1.26
C LYS B 151 8.60 20.98 -1.91
N LEU B 152 8.39 21.12 -3.22
CA LEU B 152 7.45 20.23 -3.91
C LEU B 152 7.87 18.77 -3.73
N SER B 153 6.91 17.91 -3.38
CA SER B 153 7.17 16.48 -3.32
C SER B 153 5.96 15.75 -3.86
N ARG B 154 6.09 14.43 -3.97
CA ARG B 154 4.99 13.59 -4.44
C ARG B 154 3.75 13.75 -3.58
N ALA B 155 3.91 14.13 -2.32
CA ALA B 155 2.75 14.25 -1.46
C ALA B 155 1.80 15.33 -1.97
N ASP B 156 2.36 16.47 -2.39
CA ASP B 156 1.56 17.55 -3.00
C ASP B 156 0.86 17.07 -4.26
N ILE B 157 1.60 16.40 -5.13
CA ILE B 157 1.02 15.92 -6.37
C ILE B 157 -0.09 14.93 -6.09
N HIS B 158 0.18 13.93 -5.25
CA HIS B 158 -0.84 12.91 -4.97
C HIS B 158 -2.06 13.55 -4.32
N LEU B 159 -1.85 14.51 -3.42
CA LEU B 159 -2.99 15.12 -2.73
C LEU B 159 -3.86 15.90 -3.71
N VAL B 160 -3.22 16.71 -4.56
CA VAL B 160 -3.97 17.54 -5.49
C VAL B 160 -4.69 16.67 -6.53
N GLU B 161 -4.04 15.62 -7.03
CA GLU B 161 -4.77 14.66 -7.87
C GLU B 161 -6.07 14.23 -7.19
N LEU B 162 -5.99 13.86 -5.91
CA LEU B 162 -7.15 13.40 -5.17
C LEU B 162 -8.19 14.51 -5.02
N LEU B 163 -7.75 15.75 -4.82
CA LEU B 163 -8.69 16.87 -4.74
C LEU B 163 -9.52 16.98 -6.01
N TYR B 164 -8.91 16.70 -7.17
CA TYR B 164 -9.71 16.72 -8.39
C TYR B 164 -10.77 15.63 -8.40
N TYR B 165 -10.46 14.42 -7.90
CA TYR B 165 -11.46 13.36 -7.90
C TYR B 165 -12.59 13.67 -6.91
N VAL B 166 -12.25 14.21 -5.74
CA VAL B 166 -13.27 14.56 -4.76
C VAL B 166 -14.19 15.64 -5.33
N GLU B 167 -13.62 16.62 -6.04
CA GLU B 167 -14.44 17.66 -6.66
C GLU B 167 -15.44 17.06 -7.64
N GLU B 168 -15.02 16.09 -8.46
CA GLU B 168 -15.96 15.38 -9.33
C GLU B 168 -17.05 14.68 -8.51
N LEU B 169 -16.70 14.14 -7.36
CA LEU B 169 -17.69 13.42 -6.57
C LEU B 169 -18.66 14.38 -5.91
N ASP B 170 -18.17 15.49 -5.39
CA ASP B 170 -18.98 16.43 -4.60
C ASP B 170 -18.16 17.69 -4.38
N SER B 171 -18.45 18.72 -5.18
CA SER B 171 -17.58 19.89 -5.18
C SER B 171 -17.66 20.71 -3.90
N SER B 172 -18.66 20.45 -3.04
CA SER B 172 -18.77 21.17 -1.78
C SER B 172 -17.88 20.61 -0.67
N LEU B 173 -17.24 19.45 -0.88
CA LEU B 173 -16.59 18.79 0.26
C LEU B 173 -15.40 19.59 0.74
N ILE B 174 -14.67 20.21 -0.18
CA ILE B 174 -13.50 21.03 0.17
C ILE B 174 -13.84 22.43 0.64
N SER B 175 -15.10 22.87 0.59
CA SER B 175 -15.40 24.29 0.82
C SER B 175 -14.93 24.79 2.18
N SER B 176 -14.93 23.94 3.21
CA SER B 176 -14.51 24.35 4.55
C SER B 176 -13.01 24.36 4.75
N PHE B 177 -12.22 24.08 3.71
CA PHE B 177 -10.78 23.86 3.86
C PHE B 177 -10.02 24.81 2.94
N PRO B 178 -9.88 26.06 3.36
CA PRO B 178 -9.22 27.07 2.50
C PRO B 178 -7.79 26.72 2.13
N LEU B 179 -7.04 26.06 3.01
CA LEU B 179 -5.65 25.79 2.68
C LEU B 179 -5.54 24.65 1.68
N LEU B 180 -6.50 23.71 1.71
CA LEU B 180 -6.56 22.70 0.67
C LEU B 180 -6.89 23.32 -0.67
N LYS B 181 -7.87 24.22 -0.70
CA LYS B 181 -8.22 24.92 -1.93
C LYS B 181 -7.01 25.71 -2.46
N ALA B 182 -6.35 26.44 -1.56
CA ALA B 182 -5.15 27.20 -1.98
C ALA B 182 -4.06 26.29 -2.53
N LEU B 183 -3.78 25.18 -1.83
CA LEU B 183 -2.78 24.24 -2.34
C LEU B 183 -3.19 23.70 -3.69
N LYS B 184 -4.49 23.42 -3.89
CA LYS B 184 -4.93 22.92 -5.18
C LYS B 184 -4.58 23.91 -6.29
N THR B 185 -4.78 25.20 -6.01
CA THR B 185 -4.56 26.23 -7.04
C THR B 185 -3.09 26.38 -7.34
N ARG B 186 -2.26 26.55 -6.31
CA ARG B 186 -0.81 26.67 -6.50
C ARG B 186 -0.26 25.49 -7.30
N ILE B 187 -0.62 24.26 -6.92
CA ILE B 187 -0.05 23.08 -7.59
C ILE B 187 -0.57 22.98 -9.02
N SER B 188 -1.84 23.35 -9.24
CA SER B 188 -2.40 23.32 -10.58
C SER B 188 -1.73 24.31 -11.53
N ASN B 189 -1.02 25.31 -10.99
CA ASN B 189 -0.35 26.29 -11.82
C ASN B 189 1.17 26.09 -11.95
N LEU B 190 1.73 25.06 -11.33
CA LEU B 190 3.07 24.68 -11.73
C LEU B 190 3.06 24.36 -13.22
N PRO B 191 4.05 24.85 -13.98
CA PRO B 191 4.01 24.62 -15.44
C PRO B 191 3.72 23.18 -15.85
N THR B 192 4.46 22.20 -15.33
CA THR B 192 4.26 20.81 -15.74
C THR B 192 2.84 20.33 -15.45
N VAL B 193 2.28 20.70 -14.29
CA VAL B 193 0.96 20.20 -13.93
C VAL B 193 -0.11 20.93 -14.73
N LYS B 194 0.02 22.26 -14.83
CA LYS B 194 -0.87 23.03 -15.68
C LYS B 194 -0.98 22.40 -17.06
N LYS B 195 0.15 21.98 -17.62
CA LYS B 195 0.14 21.39 -18.94
C LYS B 195 -0.59 20.05 -18.95
N PHE B 196 -0.39 19.25 -17.89
CA PHE B 196 -1.09 17.97 -17.75
C PHE B 196 -2.58 18.16 -17.58
N LEU B 197 -2.99 19.23 -16.90
CA LEU B 197 -4.42 19.52 -16.72
C LEU B 197 -5.08 20.07 -17.99
N GLN B 198 -4.33 20.61 -18.93
CA GLN B 198 -4.93 21.17 -20.13
C GLN B 198 -5.27 20.09 -21.14
N PRO B 199 -6.22 20.36 -22.05
CA PRO B 199 -6.58 19.36 -23.07
C PRO B 199 -5.37 18.88 -23.87
N GLY B 200 -5.43 17.63 -24.31
CA GLY B 200 -4.35 17.05 -25.06
C GLY B 200 -3.32 16.24 -24.28
N SER B 201 -3.29 16.36 -22.95
CA SER B 201 -2.30 15.62 -22.18
C SER B 201 -2.72 14.16 -22.03
N PRO B 202 -1.82 13.31 -21.51
CA PRO B 202 -2.20 11.90 -21.25
C PRO B 202 -3.21 11.72 -20.13
N ARG B 203 -3.60 12.81 -19.46
CA ARG B 203 -4.58 12.73 -18.39
C ARG B 203 -5.87 12.07 -18.89
N LYS B 204 -6.37 11.09 -18.11
CA LYS B 204 -7.53 10.31 -18.52
C LYS B 204 -8.80 10.83 -17.86
N PRO B 205 -9.96 10.60 -18.49
CA PRO B 205 -11.21 11.12 -17.97
C PRO B 205 -11.85 10.15 -17.01
N PRO B 206 -12.92 10.56 -16.33
CA PRO B 206 -13.67 9.61 -15.48
C PRO B 206 -14.07 8.40 -16.30
N MET B 207 -14.25 7.29 -15.61
CA MET B 207 -14.76 6.09 -16.29
C MET B 207 -16.27 6.21 -16.52
N ASP B 208 -16.69 5.91 -17.75
CA ASP B 208 -18.10 5.76 -18.07
C ASP B 208 -18.44 4.27 -18.17
N GLU B 209 -19.52 3.92 -18.86
N GLU B 209 -19.55 3.95 -18.84
CA GLU B 209 -19.83 2.50 -19.00
CA GLU B 209 -19.94 2.56 -19.06
C GLU B 209 -19.19 1.86 -20.22
C GLU B 209 -19.11 1.90 -20.16
N LYS B 210 -18.74 2.66 -21.19
CA LYS B 210 -17.91 2.12 -22.26
C LYS B 210 -16.57 1.66 -21.70
N SER B 211 -15.94 2.50 -20.88
CA SER B 211 -14.71 2.12 -20.22
C SER B 211 -14.93 0.93 -19.29
N LEU B 212 -16.08 0.91 -18.60
CA LEU B 212 -16.31 -0.12 -17.59
C LEU B 212 -16.40 -1.51 -18.22
N GLU B 213 -17.10 -1.62 -19.36
CA GLU B 213 -17.26 -2.94 -19.99
C GLU B 213 -16.00 -3.38 -20.72
N GLU B 214 -15.23 -2.44 -21.27
CA GLU B 214 -13.96 -2.81 -21.89
C GLU B 214 -13.03 -3.47 -20.87
N ALA B 215 -13.04 -2.98 -19.62
CA ALA B 215 -12.19 -3.59 -18.60
C ALA B 215 -12.70 -4.97 -18.22
N ARG B 216 -14.02 -5.16 -18.20
CA ARG B 216 -14.55 -6.48 -17.88
C ARG B 216 -14.17 -7.49 -18.97
N LYS B 217 -14.17 -7.06 -20.23
CA LYS B 217 -13.90 -7.96 -21.34
C LYS B 217 -12.41 -8.21 -21.52
N ILE B 218 -11.57 -7.20 -21.26
CA ILE B 218 -10.12 -7.42 -21.26
C ILE B 218 -9.75 -8.38 -20.14
N PHE B 219 -9.99 -7.96 -18.89
CA PHE B 219 -9.83 -8.87 -17.77
CA PHE B 219 -9.88 -8.84 -17.73
C PHE B 219 -10.94 -9.92 -17.86
N ARG B 220 -11.32 -10.54 -16.76
CA ARG B 220 -12.37 -11.55 -16.80
C ARG B 220 -13.19 -11.40 -15.52
N PHE B 221 -13.74 -10.20 -15.34
CA PHE B 221 -14.51 -9.90 -14.14
C PHE B 221 -15.85 -9.29 -14.55
C1 MPD C . 3.45 14.31 13.81
C2 MPD C . 4.80 13.59 13.85
O2 MPD C . 4.84 12.92 15.12
CM MPD C . 4.84 12.45 12.82
C3 MPD C . 6.01 14.53 13.90
C4 MPD C . 6.64 15.02 12.58
O4 MPD C . 6.07 16.25 12.15
C5 MPD C . 8.15 15.17 12.75
H11 MPD C . 3.61 15.38 13.84
H12 MPD C . 2.86 14.01 14.68
H13 MPD C . 2.92 14.04 12.90
HO2 MPD C . 5.61 13.24 15.63
HM1 MPD C . 5.78 12.51 12.26
HM2 MPD C . 4.00 12.56 12.13
HM3 MPD C . 4.77 11.50 13.34
H31 MPD C . 5.73 15.42 14.47
H32 MPD C . 6.80 14.03 14.48
H4 MPD C . 6.46 14.24 11.83
HO4 MPD C . 6.58 17.00 12.51
H51 MPD C . 8.44 16.19 12.50
H52 MPD C . 8.66 14.49 12.09
H53 MPD C . 8.42 14.97 13.78
C1 MPD D . -7.09 -7.41 14.80
C2 MPD D . -8.34 -7.04 13.99
O2 MPD D . -7.88 -6.65 12.68
CM MPD D . -9.28 -8.22 13.77
C3 MPD D . -9.02 -5.83 14.64
C4 MPD D . -9.74 -6.13 15.97
O4 MPD D . -9.13 -7.16 16.70
C5 MPD D . -9.80 -4.88 16.87
H11 MPD D . -7.00 -6.72 15.65
H12 MPD D . -6.22 -7.34 14.17
H13 MPD D . -7.20 -8.43 15.18
HO2 MPD D . -8.12 -5.72 12.51
HM1 MPD D . -10.28 -7.96 14.11
HM2 MPD D . -8.91 -9.08 14.32
HM3 MPD D . -9.32 -8.45 12.70
H31 MPD D . -8.28 -5.06 14.80
H32 MPD D . -9.76 -5.44 13.93
H4 MPD D . -10.77 -6.41 15.74
HO4 MPD D . -8.39 -6.81 17.22
H51 MPD D . -9.37 -5.12 17.84
H52 MPD D . -10.85 -4.59 17.01
H53 MPD D . -9.25 -4.06 16.41
O1 MES E . -11.69 -0.17 14.80
C2 MES E . -11.71 0.31 13.46
C3 MES E . -12.04 -0.83 12.50
N4 MES E . -10.99 -1.83 12.68
C5 MES E . -10.88 -2.36 14.04
C6 MES E . -10.72 -1.18 15.01
C7 MES E . -10.96 -2.86 11.64
C8 MES E . -10.01 -2.39 10.54
S MES E . -9.34 -3.68 9.72
O1S MES E . -9.28 -3.39 8.25
O2S MES E . -7.97 -3.84 10.24
O3S MES E . -10.10 -4.93 9.95
H21 MES E . -10.73 0.73 13.21
H22 MES E . -12.45 1.10 13.36
H31 MES E . -13.01 -1.26 12.74
H32 MES E . -12.06 -0.48 11.46
HN4 MES E . -10.14 -1.31 12.54
H51 MES E . -10.02 -3.02 14.10
H52 MES E . -11.77 -2.94 14.28
H61 MES E . -10.78 -1.56 16.03
H62 MES E . -9.72 -0.76 14.89
H71 MES E . -10.62 -3.80 12.06
H72 MES E . -11.97 -3.01 11.23
H81 MES E . -10.56 -1.76 9.83
H82 MES E . -9.22 -1.79 10.98
C1 MPD F . 2.02 10.17 25.14
C2 MPD F . 1.61 8.99 24.27
O2 MPD F . 0.18 8.83 24.44
CM MPD F . 1.79 9.31 22.79
C3 MPD F . 2.34 7.69 24.66
C4 MPD F . 1.82 7.04 25.96
O4 MPD F . 0.64 6.30 25.72
C5 MPD F . 2.82 6.08 26.58
H11 MPD F . 2.76 9.83 25.88
H12 MPD F . 1.15 10.55 25.67
H13 MPD F . 2.47 10.95 24.53
HO2 MPD F . 0.00 7.92 24.76
HM1 MPD F . 2.41 8.53 22.33
HM2 MPD F . 2.28 10.28 22.69
HM3 MPD F . 0.81 9.34 22.31
H31 MPD F . 2.24 6.97 23.85
H32 MPD F . 3.40 7.90 24.77
H4 MPD F . 1.62 7.83 26.68
HO4 MPD F . 0.32 5.92 26.57
H51 MPD F . 2.37 5.09 26.67
H52 MPD F . 3.12 6.43 27.57
H53 MPD F . 3.71 6.01 25.94
C1 MPD G . -7.82 -9.02 -11.98
C2 MPD G . -6.51 -9.65 -12.47
O2 MPD G . -5.66 -9.72 -11.30
CM MPD G . -6.76 -11.09 -12.91
C3 MPD G . -5.84 -8.88 -13.64
C4 MPD G . -5.14 -7.52 -13.37
O4 MPD G . -4.39 -7.11 -14.50
C5 MPD G . -6.02 -6.32 -13.01
H11 MPD G . -8.04 -8.13 -12.57
H12 MPD G . -7.73 -8.75 -10.93
H13 MPD G . -8.64 -9.74 -12.10
HO2 MPD G . -4.82 -9.26 -11.48
HM1 MPD G . -6.40 -11.22 -13.94
HM2 MPD G . -7.82 -11.32 -12.86
HM3 MPD G . -6.22 -11.77 -12.25
H31 MPD G . -5.11 -9.55 -14.10
H32 MPD G . -6.61 -8.70 -14.39
H4 MPD G . -4.45 -7.68 -12.53
HO4 MPD G . -3.66 -6.54 -14.21
H51 MPD G . -5.82 -5.52 -13.72
H52 MPD G . -5.78 -5.98 -12.01
H53 MPD G . -7.07 -6.61 -13.07
#